data_6HM7
#
_entry.id   6HM7
#
_cell.length_a   41.114
_cell.length_b   84.892
_cell.length_c   40.361
_cell.angle_alpha   90.000
_cell.angle_beta   100.160
_cell.angle_gamma   90.000
#
_symmetry.space_group_name_H-M   'P 1 21 1'
#
loop_
_entity.id
_entity.type
_entity.pdbx_description
1 polymer 'Tyrosine-protein kinase SYK'
2 non-polymer 7-[2-methoxy-6-[(4-methylpyridin-2-yl)methoxy]phenyl]-2,3,4,5-tetrahydro-1~{H}-3-benzazepine
3 non-polymer 'BROMIDE ION'
4 non-polymer GLYCEROL
5 non-polymer 'DIMETHYL SULFOXIDE'
6 water water
#
_entity_poly.entity_id   1
_entity_poly.type   'polypeptide(L)'
_entity_poly.pdbx_seq_one_letter_code
;PKEVYLDRKLLTLEDKELGSGNFGTVKKGYYQMKKVVKTVAVKILKNEANDPALKDELLAEANVMQQLDNPYIVRMIGIC
EAESWMLVMEMAELGPLNKYLQQNRHVKDKNIIELVHQVSMGMKYLEESNFVHRDLAARNVLLVTQHYAKISDFGLSKAL
RADEN(PTR)YKAQTHGKWPVKWYAPECINYYKFSSKSDVWSFGVLMWEAFSYGQKPYRGMKGSEVTAMLEKGERMGCPA
GCPREMYDLMNLCWTYDVENRPGFAAVELRLRNYYYDVVN
;
_entity_poly.pdbx_strand_id   A
#
# COMPACT_ATOMS: atom_id res chain seq x y z
N VAL A 4 11.41 13.55 20.97
CA VAL A 4 10.69 13.29 19.68
C VAL A 4 11.25 12.02 19.03
N TYR A 5 12.57 12.00 18.86
CA TYR A 5 13.29 10.88 18.26
C TYR A 5 13.44 9.74 19.28
N LEU A 6 13.52 8.53 18.76
CA LEU A 6 13.67 7.35 19.62
C LEU A 6 15.10 7.19 20.11
N ASP A 7 15.23 6.51 21.25
CA ASP A 7 16.52 6.29 21.89
C ASP A 7 17.13 5.00 21.34
N ARG A 8 18.25 5.13 20.63
CA ARG A 8 18.94 3.98 20.05
C ARG A 8 19.30 2.89 21.07
N LYS A 9 19.61 3.25 22.32
CA LYS A 9 19.97 2.22 23.32
C LYS A 9 18.77 1.33 23.71
N LEU A 10 17.55 1.82 23.45
CA LEU A 10 16.33 1.05 23.68
C LEU A 10 15.93 0.18 22.49
N LEU A 11 16.69 0.22 21.40
CA LEU A 11 16.41 -0.57 20.19
C LEU A 11 17.44 -1.69 20.05
N THR A 12 16.96 -2.91 19.81
CA THR A 12 17.79 -4.07 19.53
C THR A 12 17.38 -4.63 18.15
N LEU A 13 18.34 -4.73 17.24
CA LEU A 13 18.08 -5.25 15.89
C LEU A 13 18.61 -6.66 15.71
N GLU A 14 17.92 -7.44 14.88
CA GLU A 14 18.41 -8.74 14.43
C GLU A 14 19.43 -8.53 13.31
N ASP A 15 20.26 -9.53 13.08
CA ASP A 15 21.29 -9.47 12.03
C ASP A 15 20.70 -9.60 10.63
N LYS A 16 19.78 -10.54 10.47
CA LYS A 16 19.16 -10.83 9.17
C LYS A 16 18.30 -9.67 8.65
N GLU A 17 18.22 -9.56 7.32
CA GLU A 17 17.36 -8.59 6.64
C GLU A 17 16.04 -9.24 6.26
N LEU A 18 14.91 -8.55 6.50
CA LEU A 18 13.60 -9.02 6.03
C LEU A 18 13.48 -8.74 4.53
N GLY A 19 14.08 -7.63 4.11
CA GLY A 19 14.11 -7.23 2.72
C GLY A 19 15.14 -6.14 2.49
N SER A 20 15.41 -5.87 1.22
CA SER A 20 16.43 -4.90 0.81
C SER A 20 16.03 -4.16 -0.46
N GLY A 21 16.59 -2.96 -0.62
CA GLY A 21 16.35 -2.12 -1.81
C GLY A 21 17.39 -1.01 -1.89
N ASN A 22 17.16 -0.03 -2.78
CA ASN A 22 18.09 1.11 -2.90
C ASN A 22 18.14 1.93 -1.62
N PHE A 23 16.96 2.13 -1.01
CA PHE A 23 16.84 2.80 0.28
C PHE A 23 17.79 2.21 1.33
N GLY A 24 17.88 0.88 1.37
CA GLY A 24 18.70 0.16 2.35
C GLY A 24 18.03 -1.16 2.73
N THR A 25 17.81 -1.38 4.02
CA THR A 25 17.25 -2.65 4.49
C THR A 25 16.02 -2.48 5.39
N VAL A 26 15.22 -3.54 5.50
CA VAL A 26 14.17 -3.63 6.51
C VAL A 26 14.58 -4.80 7.40
N LYS A 27 14.78 -4.52 8.68
CA LYS A 27 15.15 -5.54 9.65
C LYS A 27 14.14 -5.59 10.77
N LYS A 28 14.03 -6.76 11.39
CA LYS A 28 13.24 -6.93 12.60
C LYS A 28 14.04 -6.48 13.81
N GLY A 29 13.35 -5.88 14.77
CA GLY A 29 13.96 -5.47 16.02
C GLY A 29 12.98 -5.45 17.16
N TYR A 30 13.46 -4.94 18.29
CA TYR A 30 12.71 -4.81 19.53
C TYR A 30 12.96 -3.47 20.14
N TYR A 31 11.89 -2.79 20.53
CA TYR A 31 12.00 -1.49 21.16
C TYR A 31 11.47 -1.62 22.57
N GLN A 32 12.34 -1.35 23.55
CA GLN A 32 12.00 -1.42 24.97
C GLN A 32 11.00 -0.31 25.35
N MET A 33 9.84 -0.71 25.83
CA MET A 33 8.81 0.21 26.30
C MET A 33 8.91 0.24 27.83
N LYS A 34 7.93 0.85 28.48
CA LYS A 34 7.91 0.97 29.95
C LYS A 34 8.19 -0.35 30.68
N LYS A 35 7.43 -1.39 30.38
CA LYS A 35 7.66 -2.74 30.96
C LYS A 35 7.70 -3.91 29.95
N VAL A 36 7.07 -3.74 28.79
CA VAL A 36 7.12 -4.76 27.73
C VAL A 36 8.08 -4.31 26.66
N VAL A 37 8.42 -5.22 25.77
CA VAL A 37 9.27 -4.94 24.64
C VAL A 37 8.35 -5.07 23.42
N LYS A 38 8.49 -4.16 22.45
CA LYS A 38 7.65 -4.19 21.25
C LYS A 38 8.45 -4.59 20.02
N THR A 39 7.95 -5.60 19.30
CA THR A 39 8.60 -6.08 18.09
C THR A 39 8.34 -5.00 17.03
N VAL A 40 9.39 -4.65 16.30
CA VAL A 40 9.32 -3.57 15.31
C VAL A 40 9.97 -3.96 13.99
N ALA A 41 9.49 -3.34 12.92
CA ALA A 41 10.13 -3.43 11.60
C ALA A 41 10.85 -2.11 11.45
N VAL A 42 12.11 -2.18 11.08
CA VAL A 42 12.95 -0.98 11.01
C VAL A 42 13.45 -0.83 9.60
N LYS A 43 13.08 0.29 8.97
CA LYS A 43 13.56 0.66 7.64
C LYS A 43 14.83 1.45 7.87
N ILE A 44 15.96 0.88 7.46
CA ILE A 44 17.28 1.46 7.67
C ILE A 44 17.77 2.08 6.37
N LEU A 45 18.01 3.39 6.40
CA LEU A 45 18.45 4.14 5.22
C LEU A 45 19.93 3.96 4.96
N LYS A 46 20.26 3.33 3.82
CA LYS A 46 21.64 3.19 3.34
C LYS A 46 21.91 4.39 2.43
N ASN A 47 22.50 5.42 3.01
CA ASN A 47 22.79 6.69 2.35
C ASN A 47 24.30 6.88 2.41
N GLU A 48 25.03 5.89 1.89
CA GLU A 48 26.51 5.82 1.95
C GLU A 48 27.22 7.12 1.54
N ALA A 49 26.69 7.78 0.50
CA ALA A 49 27.22 9.03 -0.04
C ALA A 49 26.69 10.30 0.64
N ASN A 50 25.88 10.14 1.71
CA ASN A 50 25.30 11.26 2.45
C ASN A 50 24.45 12.18 1.58
N ASP A 51 23.68 11.57 0.67
CA ASP A 51 22.80 12.31 -0.23
C ASP A 51 21.61 12.87 0.58
N PRO A 52 21.51 14.22 0.69
CA PRO A 52 20.38 14.79 1.45
C PRO A 52 19.01 14.56 0.79
N ALA A 53 18.98 14.19 -0.50
CA ALA A 53 17.74 13.80 -1.19
C ALA A 53 17.17 12.52 -0.57
N LEU A 54 17.98 11.47 -0.46
CA LEU A 54 17.56 10.20 0.16
C LEU A 54 17.17 10.36 1.64
N LYS A 55 17.91 11.20 2.36
CA LYS A 55 17.59 11.55 3.75
C LYS A 55 16.24 12.23 3.82
N ASP A 56 16.02 13.21 2.93
CA ASP A 56 14.75 13.94 2.85
C ASP A 56 13.59 13.01 2.52
N GLU A 57 13.83 12.02 1.64
CA GLU A 57 12.79 11.05 1.26
C GLU A 57 12.32 10.23 2.48
N LEU A 58 13.27 9.73 3.28
CA LEU A 58 12.89 8.98 4.49
C LEU A 58 12.13 9.87 5.48
N LEU A 59 12.59 11.12 5.63
CA LEU A 59 11.93 12.05 6.56
C LEU A 59 10.54 12.44 6.11
N ALA A 60 10.35 12.60 4.79
CA ALA A 60 9.02 12.87 4.22
C ALA A 60 8.06 11.69 4.45
N GLU A 61 8.55 10.46 4.26
CA GLU A 61 7.77 9.25 4.56
C GLU A 61 7.35 9.23 6.02
N ALA A 62 8.30 9.53 6.92
CA ALA A 62 8.03 9.61 8.33
C ALA A 62 7.00 10.72 8.64
N ASN A 63 7.12 11.86 7.96
CA ASN A 63 6.17 12.98 8.15
C ASN A 63 4.73 12.55 7.80
N VAL A 64 4.57 11.78 6.73
CA VAL A 64 3.23 11.27 6.38
C VAL A 64 2.73 10.32 7.46
N MET A 65 3.52 9.30 7.78
CA MET A 65 3.08 8.28 8.75
C MET A 65 2.73 8.84 10.13
N GLN A 66 3.43 9.87 10.56
CA GLN A 66 3.17 10.52 11.87
C GLN A 66 1.75 11.14 11.96
N GLN A 67 1.17 11.51 10.82
CA GLN A 67 -0.15 12.11 10.76
C GLN A 67 -1.29 11.11 10.65
N LEU A 68 -0.97 9.84 10.38
CA LEU A 68 -1.97 8.79 10.21
C LEU A 68 -2.14 7.97 11.48
N ASP A 69 -3.39 7.62 11.76
CA ASP A 69 -3.73 6.81 12.92
C ASP A 69 -5.00 6.02 12.61
N ASN A 70 -4.81 4.77 12.18
CA ASN A 70 -5.90 3.90 11.73
C ASN A 70 -5.47 2.43 11.89
N PRO A 71 -6.40 1.53 12.30
CA PRO A 71 -5.98 0.13 12.48
C PRO A 71 -5.48 -0.59 11.23
N TYR A 72 -5.80 -0.07 10.04
CA TYR A 72 -5.44 -0.72 8.77
C TYR A 72 -4.30 -0.06 8.02
N ILE A 73 -3.52 0.74 8.74
CA ILE A 73 -2.36 1.41 8.20
C ILE A 73 -1.23 1.13 9.17
N VAL A 74 -0.06 0.74 8.64
CA VAL A 74 1.13 0.54 9.49
C VAL A 74 1.43 1.81 10.31
N ARG A 75 1.59 1.62 11.62
CA ARG A 75 1.89 2.70 12.57
C ARG A 75 3.39 2.91 12.67
N MET A 76 3.81 4.16 12.67
CA MET A 76 5.20 4.51 12.92
C MET A 76 5.36 4.74 14.41
N ILE A 77 6.40 4.15 14.98
CA ILE A 77 6.74 4.34 16.39
C ILE A 77 7.56 5.63 16.50
N GLY A 78 8.56 5.77 15.65
CA GLY A 78 9.36 6.99 15.60
C GLY A 78 10.55 6.86 14.68
N ILE A 79 11.33 7.94 14.67
CA ILE A 79 12.58 7.98 13.92
C ILE A 79 13.69 7.77 14.92
N CYS A 80 14.73 7.07 14.50
CA CYS A 80 15.93 6.88 15.32
C CYS A 80 17.13 7.34 14.50
N GLU A 81 17.82 8.33 15.02
CA GLU A 81 19.02 8.89 14.40
C GLU A 81 20.22 8.24 15.08
N ALA A 82 20.78 7.22 14.42
CA ALA A 82 21.89 6.44 14.99
C ALA A 82 22.93 6.15 13.88
N GLU A 83 23.59 4.98 13.91
CA GLU A 83 24.55 4.58 12.84
C GLU A 83 24.02 4.92 11.45
N SER A 84 22.70 4.70 11.28
CA SER A 84 21.96 5.12 10.09
C SER A 84 20.70 5.82 10.56
N TRP A 85 20.04 6.48 9.62
CA TRP A 85 18.71 7.01 9.83
C TRP A 85 17.75 5.82 9.77
N MET A 86 16.87 5.70 10.76
CA MET A 86 15.96 4.55 10.87
C MET A 86 14.53 4.97 11.11
N LEU A 87 13.61 4.39 10.34
CA LEU A 87 12.19 4.59 10.55
C LEU A 87 11.66 3.32 11.24
N VAL A 88 11.20 3.47 12.49
CA VAL A 88 10.79 2.33 13.33
C VAL A 88 9.27 2.25 13.27
N MET A 89 8.75 1.08 12.91
CA MET A 89 7.32 0.87 12.69
C MET A 89 6.86 -0.38 13.44
N GLU A 90 5.57 -0.50 13.68
CA GLU A 90 5.04 -1.77 14.20
C GLU A 90 5.34 -2.86 13.18
N MET A 91 5.49 -4.09 13.65
CA MET A 91 5.81 -5.22 12.79
C MET A 91 4.56 -5.92 12.26
N ALA A 92 4.48 -6.11 10.93
CA ALA A 92 3.46 -6.94 10.26
C ALA A 92 4.20 -8.26 9.93
N GLU A 93 4.13 -9.19 10.87
CA GLU A 93 4.99 -10.40 10.89
C GLU A 93 4.92 -11.27 9.64
N LEU A 94 3.71 -11.45 9.12
CA LEU A 94 3.47 -12.34 7.98
C LEU A 94 3.88 -11.78 6.62
N GLY A 95 4.18 -10.49 6.54
CA GLY A 95 4.77 -9.91 5.33
C GLY A 95 3.78 -9.55 4.23
N PRO A 96 4.30 -9.31 3.02
CA PRO A 96 3.46 -8.86 1.90
C PRO A 96 2.36 -9.83 1.48
N LEU A 97 1.19 -9.26 1.19
CA LEU A 97 0.01 -10.01 0.78
C LEU A 97 0.23 -10.89 -0.47
N ASN A 98 0.93 -10.37 -1.46
CA ASN A 98 1.13 -11.13 -2.70
C ASN A 98 1.92 -12.42 -2.42
N LYS A 99 3.01 -12.29 -1.67
CA LYS A 99 3.86 -13.44 -1.31
C LYS A 99 3.14 -14.42 -0.40
N TYR A 100 2.37 -13.90 0.55
CA TYR A 100 1.60 -14.75 1.44
C TYR A 100 0.61 -15.62 0.67
N LEU A 101 -0.15 -15.00 -0.25
CA LEU A 101 -1.13 -15.75 -1.03
C LEU A 101 -0.47 -16.70 -2.02
N GLN A 102 0.69 -16.34 -2.55
CA GLN A 102 1.42 -17.24 -3.44
C GLN A 102 1.73 -18.59 -2.75
N GLN A 103 1.99 -18.53 -1.45
CA GLN A 103 2.37 -19.71 -0.65
C GLN A 103 1.21 -20.32 0.17
N ASN A 104 0.02 -19.75 0.07
CA ASN A 104 -1.15 -20.19 0.87
C ASN A 104 -2.43 -20.20 0.03
N ARG A 105 -2.44 -21.07 -0.97
CA ARG A 105 -3.54 -21.12 -1.94
C ARG A 105 -4.85 -21.71 -1.42
N HIS A 106 -4.80 -22.30 -0.22
CA HIS A 106 -5.99 -22.74 0.49
C HIS A 106 -6.79 -21.58 1.12
N VAL A 107 -6.23 -20.36 1.14
CA VAL A 107 -6.96 -19.23 1.72
C VAL A 107 -8.27 -19.10 0.96
N LYS A 108 -9.37 -18.97 1.69
CA LYS A 108 -10.69 -18.96 1.08
C LYS A 108 -11.06 -17.60 0.53
N ASP A 109 -11.94 -17.60 -0.46
CA ASP A 109 -12.48 -16.38 -1.02
C ASP A 109 -13.03 -15.42 0.05
N LYS A 110 -13.75 -15.95 1.04
CA LYS A 110 -14.27 -15.12 2.14
C LYS A 110 -13.15 -14.38 2.91
N ASN A 111 -12.01 -15.05 3.08
CA ASN A 111 -10.81 -14.52 3.77
C ASN A 111 -10.16 -13.41 2.92
N ILE A 112 -10.15 -13.60 1.60
CA ILE A 112 -9.63 -12.59 0.68
C ILE A 112 -10.52 -11.34 0.71
N ILE A 113 -11.84 -11.54 0.69
CA ILE A 113 -12.79 -10.43 0.79
C ILE A 113 -12.57 -9.66 2.10
N GLU A 114 -12.43 -10.39 3.20
CA GLU A 114 -12.14 -9.77 4.49
C GLU A 114 -10.90 -8.85 4.44
N LEU A 115 -9.81 -9.37 3.87
CA LEU A 115 -8.54 -8.62 3.76
C LEU A 115 -8.65 -7.40 2.84
N VAL A 116 -9.23 -7.58 1.66
CA VAL A 116 -9.40 -6.41 0.76
C VAL A 116 -10.35 -5.37 1.36
N HIS A 117 -11.38 -5.81 2.11
CA HIS A 117 -12.25 -4.88 2.80
C HIS A 117 -11.47 -4.06 3.81
N GLN A 118 -10.59 -4.72 4.58
CA GLN A 118 -9.72 -4.01 5.51
C GLN A 118 -8.86 -2.95 4.80
N VAL A 119 -8.26 -3.34 3.66
CA VAL A 119 -7.51 -2.37 2.85
C VAL A 119 -8.41 -1.19 2.45
N SER A 120 -9.65 -1.46 2.03
CA SER A 120 -10.58 -0.37 1.66
C SER A 120 -10.94 0.53 2.83
N MET A 121 -10.98 -0.03 4.05
CA MET A 121 -11.25 0.78 5.25
C MET A 121 -10.05 1.69 5.53
N GLY A 122 -8.83 1.17 5.39
CA GLY A 122 -7.64 2.01 5.51
C GLY A 122 -7.61 3.13 4.47
N MET A 123 -7.97 2.78 3.23
CA MET A 123 -7.96 3.76 2.14
C MET A 123 -9.07 4.79 2.27
N LYS A 124 -10.22 4.36 2.76
CA LYS A 124 -11.30 5.29 3.07
C LYS A 124 -10.80 6.33 4.06
N TYR A 125 -10.08 5.88 5.10
CA TYR A 125 -9.48 6.79 6.07
C TYR A 125 -8.43 7.73 5.42
N LEU A 126 -7.55 7.18 4.56
CA LEU A 126 -6.59 8.01 3.84
C LEU A 126 -7.27 9.08 2.98
N GLU A 127 -8.31 8.69 2.25
CA GLU A 127 -9.10 9.61 1.42
C GLU A 127 -9.72 10.72 2.28
N GLU A 128 -10.33 10.34 3.40
CA GLU A 128 -10.88 11.35 4.37
C GLU A 128 -9.82 12.32 4.90
N SER A 129 -8.62 11.80 5.11
CA SER A 129 -7.48 12.57 5.59
C SER A 129 -6.79 13.34 4.48
N ASN A 130 -7.25 13.19 3.24
CA ASN A 130 -6.71 13.91 2.10
C ASN A 130 -5.22 13.63 1.85
N PHE A 131 -4.90 12.33 1.91
CA PHE A 131 -3.60 11.82 1.51
C PHE A 131 -3.81 10.91 0.32
N VAL A 132 -2.91 11.00 -0.66
N VAL A 132 -2.87 10.97 -0.62
CA VAL A 132 -2.87 10.05 -1.80
CA VAL A 132 -2.83 10.10 -1.80
C VAL A 132 -1.65 9.15 -1.61
C VAL A 132 -1.65 9.14 -1.60
N HIS A 133 -1.87 7.84 -1.75
CA HIS A 133 -0.84 6.83 -1.49
C HIS A 133 0.18 6.74 -2.63
N ARG A 134 -0.35 6.60 -3.83
CA ARG A 134 0.41 6.58 -5.07
C ARG A 134 1.25 5.31 -5.31
N ASP A 135 1.17 4.32 -4.43
CA ASP A 135 1.86 3.05 -4.63
C ASP A 135 1.10 1.91 -4.03
N LEU A 136 -0.22 1.95 -4.18
CA LEU A 136 -1.08 0.92 -3.60
C LEU A 136 -1.02 -0.33 -4.51
N ALA A 137 -0.59 -1.42 -3.93
CA ALA A 137 -0.38 -2.68 -4.65
C ALA A 137 -0.28 -3.77 -3.61
N ALA A 138 -0.52 -5.02 -4.01
CA ALA A 138 -0.49 -6.14 -3.07
C ALA A 138 0.84 -6.27 -2.31
N ARG A 139 1.94 -5.91 -2.97
CA ARG A 139 3.28 -5.93 -2.37
C ARG A 139 3.42 -4.99 -1.16
N ASN A 140 2.57 -3.96 -1.12
CA ASN A 140 2.55 -2.98 -0.04
C ASN A 140 1.43 -3.13 0.96
N VAL A 141 0.74 -4.27 0.93
CA VAL A 141 -0.24 -4.62 1.96
C VAL A 141 0.43 -5.73 2.73
N LEU A 142 0.56 -5.53 4.04
CA LEU A 142 1.26 -6.48 4.90
C LEU A 142 0.29 -7.13 5.86
N LEU A 143 0.54 -8.40 6.18
CA LEU A 143 -0.30 -9.16 7.08
C LEU A 143 0.27 -9.24 8.49
N VAL A 144 -0.57 -8.86 9.45
CA VAL A 144 -0.30 -9.04 10.88
C VAL A 144 -0.66 -10.49 11.22
N THR A 145 -1.85 -10.90 10.78
CA THR A 145 -2.32 -12.30 10.83
C THR A 145 -3.00 -12.58 9.49
N GLN A 146 -3.45 -13.83 9.30
CA GLN A 146 -4.18 -14.21 8.09
C GLN A 146 -5.50 -13.45 7.96
N HIS A 147 -5.94 -12.81 9.04
CA HIS A 147 -7.19 -12.08 9.07
C HIS A 147 -7.00 -10.61 9.42
N TYR A 148 -5.80 -10.07 9.20
CA TYR A 148 -5.54 -8.67 9.55
C TYR A 148 -4.47 -8.08 8.66
N ALA A 149 -4.90 -7.20 7.74
CA ALA A 149 -4.03 -6.52 6.81
C ALA A 149 -3.83 -5.05 7.15
N LYS A 150 -2.64 -4.56 6.81
CA LYS A 150 -2.29 -3.16 6.97
C LYS A 150 -1.59 -2.61 5.72
N ILE A 151 -1.90 -1.36 5.39
CA ILE A 151 -1.28 -0.67 4.26
C ILE A 151 0.08 -0.10 4.68
N SER A 152 1.11 -0.33 3.86
N SER A 152 1.09 -0.33 3.85
CA SER A 152 2.47 0.12 4.13
CA SER A 152 2.47 0.10 4.12
C SER A 152 3.01 0.98 2.98
C SER A 152 3.02 0.95 2.97
N ASP A 153 4.24 1.42 3.16
CA ASP A 153 5.04 2.09 2.11
C ASP A 153 4.52 3.42 1.60
N PHE A 154 4.68 4.43 2.44
CA PHE A 154 4.21 5.78 2.15
C PHE A 154 5.26 6.69 1.50
N GLY A 155 6.32 6.09 0.92
CA GLY A 155 7.38 6.83 0.25
C GLY A 155 6.99 7.69 -0.96
N LEU A 156 5.93 7.31 -1.67
CA LEU A 156 5.42 8.13 -2.79
C LEU A 156 4.17 8.96 -2.41
N SER A 157 3.74 8.86 -1.15
CA SER A 157 2.51 9.51 -0.71
C SER A 157 2.61 11.03 -0.59
N LYS A 158 1.46 11.68 -0.78
CA LYS A 158 1.39 13.13 -0.78
C LYS A 158 0.20 13.59 0.03
N ALA A 159 0.41 14.60 0.87
CA ALA A 159 -0.65 15.25 1.63
C ALA A 159 -1.21 16.34 0.73
N LEU A 160 -2.46 16.22 0.31
CA LEU A 160 -3.04 17.19 -0.61
C LEU A 160 -3.32 18.48 0.16
N ARG A 161 -3.18 19.60 -0.52
CA ARG A 161 -3.51 20.89 0.11
C ARG A 161 -4.98 21.01 0.38
N ALA A 162 -5.33 21.90 1.31
CA ALA A 162 -6.72 22.05 1.75
C ALA A 162 -7.70 22.41 0.64
N ASP A 163 -7.21 23.06 -0.42
CA ASP A 163 -8.01 23.57 -1.53
C ASP A 163 -7.87 22.76 -2.82
N GLU A 164 -7.29 21.58 -2.77
CA GLU A 164 -7.09 20.79 -4.00
C GLU A 164 -7.47 19.32 -3.81
N ASN A 165 -7.84 18.72 -4.94
CA ASN A 165 -8.31 17.34 -5.00
C ASN A 165 -7.32 16.38 -5.63
N TYR A 167 -2.82 15.76 -6.77
CA TYR A 167 -1.40 16.08 -6.76
C TYR A 167 -0.89 15.99 -8.21
N LYS A 168 -0.18 17.01 -8.66
CA LYS A 168 0.38 17.05 -10.02
C LYS A 168 1.85 16.64 -9.94
N ALA A 169 2.21 15.55 -10.60
CA ALA A 169 3.56 15.00 -10.54
C ALA A 169 4.54 15.66 -11.51
N GLN A 170 5.81 15.34 -11.30
CA GLN A 170 6.92 15.76 -12.15
C GLN A 170 7.81 14.52 -12.38
N THR A 171 7.36 13.61 -13.23
CA THR A 171 8.10 12.36 -13.50
C THR A 171 7.70 11.70 -14.81
N TRP A 175 7.61 4.64 -13.19
CA TRP A 175 6.42 4.50 -12.36
C TRP A 175 5.87 3.07 -12.39
N PRO A 176 5.10 2.67 -11.36
CA PRO A 176 4.42 1.36 -11.35
C PRO A 176 3.18 1.46 -12.23
N VAL A 177 3.41 1.59 -13.54
CA VAL A 177 2.37 1.86 -14.52
C VAL A 177 1.20 0.87 -14.51
N LYS A 178 1.49 -0.40 -14.22
CA LYS A 178 0.45 -1.41 -14.17
C LYS A 178 -0.57 -1.14 -13.07
N TRP A 179 -0.21 -0.30 -12.09
CA TRP A 179 -1.12 0.09 -11.00
C TRP A 179 -1.74 1.48 -11.16
N TYR A 180 -1.36 2.17 -12.22
CA TYR A 180 -1.75 3.58 -12.43
C TYR A 180 -2.94 3.80 -13.33
N ALA A 181 -3.76 4.76 -12.92
CA ALA A 181 -4.95 5.12 -13.68
C ALA A 181 -4.55 5.89 -14.92
N PRO A 182 -5.41 5.88 -15.96
CA PRO A 182 -5.06 6.61 -17.19
C PRO A 182 -4.73 8.10 -16.98
N GLU A 183 -5.46 8.78 -16.09
CA GLU A 183 -5.16 10.21 -15.84
C GLU A 183 -3.77 10.43 -15.24
N CYS A 184 -3.25 9.44 -14.50
CA CYS A 184 -1.89 9.49 -13.98
C CYS A 184 -0.88 9.48 -15.11
N ILE A 185 -1.10 8.58 -16.07
CA ILE A 185 -0.21 8.45 -17.23
C ILE A 185 -0.35 9.65 -18.19
N ASN A 186 -1.58 10.04 -18.51
CA ASN A 186 -1.87 11.09 -19.52
C ASN A 186 -1.77 12.54 -19.03
N TYR A 187 -2.08 12.78 -17.75
CA TYR A 187 -2.09 14.13 -17.21
C TYR A 187 -1.22 14.30 -15.95
N TYR A 188 -0.60 13.23 -15.46
CA TYR A 188 0.25 13.25 -14.27
C TYR A 188 -0.51 13.70 -13.00
N LYS A 189 -1.82 13.41 -12.96
CA LYS A 189 -2.69 13.80 -11.86
C LYS A 189 -3.00 12.62 -10.95
N PHE A 190 -2.68 12.76 -9.68
CA PHE A 190 -2.89 11.71 -8.68
C PHE A 190 -3.86 12.15 -7.62
N SER A 191 -4.92 11.37 -7.45
CA SER A 191 -6.02 11.70 -6.53
C SER A 191 -6.38 10.44 -5.77
N SER A 192 -7.30 10.57 -4.80
CA SER A 192 -7.85 9.38 -4.16
C SER A 192 -8.52 8.47 -5.20
N LYS A 193 -9.16 9.06 -6.21
CA LYS A 193 -9.72 8.27 -7.32
C LYS A 193 -8.66 7.44 -8.10
N SER A 194 -7.45 7.98 -8.26
N SER A 194 -7.44 7.96 -8.28
CA SER A 194 -6.34 7.23 -8.88
CA SER A 194 -6.36 7.16 -8.91
C SER A 194 -5.96 6.05 -7.97
C SER A 194 -5.90 6.04 -7.97
N ASP A 195 -5.92 6.28 -6.65
CA ASP A 195 -5.68 5.20 -5.68
C ASP A 195 -6.80 4.12 -5.79
N VAL A 196 -8.04 4.51 -6.09
CA VAL A 196 -9.12 3.53 -6.31
C VAL A 196 -8.79 2.61 -7.49
N TRP A 197 -8.26 3.19 -8.58
CA TRP A 197 -7.87 2.38 -9.75
C TRP A 197 -6.84 1.34 -9.29
N SER A 198 -5.81 1.79 -8.56
CA SER A 198 -4.77 0.91 -8.02
C SER A 198 -5.36 -0.20 -7.16
N PHE A 199 -6.35 0.16 -6.34
CA PHE A 199 -7.07 -0.80 -5.48
C PHE A 199 -7.76 -1.89 -6.28
N GLY A 200 -8.33 -1.53 -7.44
CA GLY A 200 -8.86 -2.51 -8.35
C GLY A 200 -7.80 -3.51 -8.82
N VAL A 201 -6.60 -3.01 -9.12
CA VAL A 201 -5.49 -3.88 -9.52
C VAL A 201 -5.10 -4.78 -8.33
N LEU A 202 -5.05 -4.19 -7.14
CA LEU A 202 -4.74 -4.92 -5.93
C LEU A 202 -5.77 -6.05 -5.68
N MET A 203 -7.05 -5.76 -5.87
CA MET A 203 -8.11 -6.78 -5.74
C MET A 203 -7.84 -7.92 -6.72
N TRP A 204 -7.50 -7.60 -7.97
CA TRP A 204 -7.22 -8.62 -8.95
C TRP A 204 -6.03 -9.48 -8.50
N GLU A 205 -4.99 -8.83 -7.97
CA GLU A 205 -3.82 -9.55 -7.48
C GLU A 205 -4.18 -10.51 -6.35
N ALA A 206 -4.98 -10.03 -5.40
CA ALA A 206 -5.37 -10.84 -4.24
C ALA A 206 -6.20 -12.05 -4.65
N PHE A 207 -7.24 -11.81 -5.45
CA PHE A 207 -8.06 -12.93 -5.94
C PHE A 207 -7.30 -13.86 -6.89
N SER A 208 -6.20 -13.36 -7.46
CA SER A 208 -5.27 -14.17 -8.24
C SER A 208 -4.15 -14.82 -7.41
N TYR A 209 -4.26 -14.79 -6.08
CA TYR A 209 -3.24 -15.36 -5.20
C TYR A 209 -1.83 -14.85 -5.50
N GLY A 210 -1.70 -13.55 -5.74
CA GLY A 210 -0.40 -12.95 -5.90
C GLY A 210 0.25 -13.06 -7.25
N GLN A 211 -0.51 -13.46 -8.27
CA GLN A 211 0.00 -13.41 -9.63
C GLN A 211 0.22 -11.94 -10.03
N LYS A 212 1.18 -11.73 -10.92
CA LYS A 212 1.46 -10.37 -11.40
C LYS A 212 0.40 -9.93 -12.40
N PRO A 213 -0.05 -8.68 -12.30
CA PRO A 213 -1.02 -8.20 -13.30
C PRO A 213 -0.41 -7.96 -14.66
N TYR A 214 -1.23 -8.02 -15.73
CA TYR A 214 -0.75 -7.74 -17.11
C TYR A 214 0.54 -8.52 -17.42
N ARG A 215 0.50 -9.82 -17.15
CA ARG A 215 1.66 -10.67 -17.31
C ARG A 215 2.35 -10.50 -18.64
N GLY A 216 3.64 -10.25 -18.56
CA GLY A 216 4.51 -10.20 -19.71
C GLY A 216 4.43 -8.95 -20.54
N MET A 217 3.61 -7.97 -20.12
CA MET A 217 3.36 -6.79 -20.92
C MET A 217 4.22 -5.63 -20.46
N LYS A 218 4.63 -4.81 -21.42
CA LYS A 218 5.32 -3.55 -21.16
C LYS A 218 4.27 -2.51 -20.79
N GLY A 219 4.71 -1.49 -20.05
CA GLY A 219 3.85 -0.36 -19.68
C GLY A 219 3.09 0.24 -20.85
N SER A 220 3.77 0.43 -21.98
CA SER A 220 3.16 0.98 -23.19
C SER A 220 2.04 0.07 -23.75
N GLU A 221 2.23 -1.23 -23.61
CA GLU A 221 1.26 -2.24 -24.05
C GLU A 221 0.03 -2.22 -23.14
N VAL A 222 0.24 -1.99 -21.84
CA VAL A 222 -0.84 -1.91 -20.87
C VAL A 222 -1.69 -0.68 -21.16
N THR A 223 -1.02 0.46 -21.36
CA THR A 223 -1.75 1.70 -21.69
C THR A 223 -2.62 1.53 -22.96
N ALA A 224 -2.05 0.88 -23.97
CA ALA A 224 -2.78 0.62 -25.23
C ALA A 224 -3.99 -0.29 -25.03
N MET A 225 -3.80 -1.37 -24.28
CA MET A 225 -4.87 -2.29 -23.92
C MET A 225 -6.02 -1.54 -23.25
N LEU A 226 -5.69 -0.75 -22.25
CA LEU A 226 -6.71 -0.01 -21.49
C LEU A 226 -7.44 1.02 -22.34
N GLU A 227 -6.73 1.68 -23.24
CA GLU A 227 -7.36 2.66 -24.12
C GLU A 227 -8.34 2.01 -25.12
N LYS A 228 -8.14 0.72 -25.42
CA LYS A 228 -9.10 -0.05 -26.22
C LYS A 228 -10.30 -0.50 -25.41
N GLY A 229 -10.36 -0.16 -24.11
CA GLY A 229 -11.44 -0.57 -23.26
C GLY A 229 -11.27 -1.99 -22.74
N GLU A 230 -10.10 -2.61 -22.96
CA GLU A 230 -9.87 -3.95 -22.46
C GLU A 230 -9.40 -3.88 -21.00
N ARG A 231 -9.80 -4.90 -20.24
CA ARG A 231 -9.49 -5.03 -18.84
C ARG A 231 -9.08 -6.47 -18.54
N MET A 232 -8.33 -6.64 -17.46
CA MET A 232 -8.01 -8.00 -17.00
C MET A 232 -9.29 -8.77 -16.66
N GLY A 233 -9.25 -10.08 -16.84
CA GLY A 233 -10.42 -10.94 -16.61
C GLY A 233 -10.66 -11.34 -15.17
N CYS A 234 -11.74 -12.07 -14.95
CA CYS A 234 -12.13 -12.52 -13.61
C CYS A 234 -11.22 -13.68 -13.15
N PRO A 235 -10.48 -13.51 -12.03
CA PRO A 235 -9.69 -14.64 -11.54
C PRO A 235 -10.51 -15.88 -11.18
N ALA A 236 -9.91 -17.05 -11.33
CA ALA A 236 -10.54 -18.33 -10.96
C ALA A 236 -10.94 -18.28 -9.50
N GLY A 237 -12.21 -18.56 -9.21
CA GLY A 237 -12.75 -18.54 -7.84
C GLY A 237 -13.25 -17.20 -7.30
N CYS A 238 -13.03 -16.13 -8.07
CA CYS A 238 -13.41 -14.81 -7.65
C CYS A 238 -14.91 -14.64 -7.87
N PRO A 239 -15.67 -14.28 -6.80
CA PRO A 239 -17.09 -14.00 -6.94
C PRO A 239 -17.38 -12.91 -7.97
N ARG A 240 -18.42 -13.10 -8.77
CA ARG A 240 -18.76 -12.11 -9.79
C ARG A 240 -18.89 -10.70 -9.26
N GLU A 241 -19.50 -10.56 -8.08
CA GLU A 241 -19.72 -9.27 -7.44
C GLU A 241 -18.39 -8.53 -7.17
N MET A 242 -17.35 -9.30 -6.85
CA MET A 242 -16.00 -8.75 -6.62
C MET A 242 -15.32 -8.36 -7.92
N TYR A 243 -15.46 -9.18 -8.96
CA TYR A 243 -14.98 -8.79 -10.28
C TYR A 243 -15.71 -7.52 -10.79
N ASP A 244 -17.04 -7.46 -10.63
CA ASP A 244 -17.79 -6.26 -11.00
C ASP A 244 -17.26 -5.01 -10.29
N LEU A 245 -16.91 -5.15 -9.00
CA LEU A 245 -16.31 -4.04 -8.26
C LEU A 245 -14.93 -3.65 -8.84
N MET A 246 -14.09 -4.65 -9.18
CA MET A 246 -12.79 -4.38 -9.85
C MET A 246 -12.99 -3.55 -11.11
N ASN A 247 -13.93 -3.95 -11.96
CA ASN A 247 -14.23 -3.18 -13.18
C ASN A 247 -14.69 -1.75 -12.91
N LEU A 248 -15.46 -1.55 -11.84
CA LEU A 248 -15.89 -0.22 -11.46
C LEU A 248 -14.67 0.62 -11.03
N CYS A 249 -13.73 0.01 -10.33
CA CYS A 249 -12.49 0.70 -9.95
C CYS A 249 -11.69 1.09 -11.19
N TRP A 250 -11.77 0.29 -12.25
CA TRP A 250 -11.10 0.61 -13.51
C TRP A 250 -11.97 1.42 -14.48
N THR A 251 -12.84 2.26 -13.96
CA THR A 251 -13.61 3.22 -14.75
C THR A 251 -12.62 4.23 -15.33
N TYR A 252 -12.60 4.33 -16.66
CA TYR A 252 -11.69 5.19 -17.37
C TYR A 252 -11.77 6.68 -16.94
N ASP A 253 -12.97 7.25 -16.99
CA ASP A 253 -13.18 8.66 -16.64
C ASP A 253 -13.19 8.79 -15.13
N VAL A 254 -12.22 9.54 -14.61
CA VAL A 254 -12.06 9.75 -13.18
C VAL A 254 -13.33 10.30 -12.50
N GLU A 255 -14.06 11.18 -13.19
CA GLU A 255 -15.28 11.77 -12.63
C GLU A 255 -16.36 10.74 -12.28
N ASN A 256 -16.44 9.66 -13.05
CA ASN A 256 -17.44 8.60 -12.86
C ASN A 256 -16.93 7.39 -12.08
N ARG A 257 -15.64 7.38 -11.75
CA ARG A 257 -15.07 6.29 -10.94
C ARG A 257 -15.47 6.52 -9.47
N PRO A 258 -15.76 5.44 -8.73
CA PRO A 258 -16.14 5.62 -7.32
C PRO A 258 -14.96 6.05 -6.45
N GLY A 259 -15.28 6.71 -5.35
CA GLY A 259 -14.33 7.00 -4.28
C GLY A 259 -14.32 5.85 -3.29
N PHE A 260 -13.41 5.92 -2.32
CA PHE A 260 -13.27 4.83 -1.36
C PHE A 260 -14.49 4.64 -0.43
N ALA A 261 -15.24 5.72 -0.16
CA ALA A 261 -16.48 5.57 0.66
C ALA A 261 -17.42 4.57 -0.04
N ALA A 262 -17.58 4.72 -1.35
CA ALA A 262 -18.44 3.81 -2.12
C ALA A 262 -17.85 2.40 -2.23
N VAL A 263 -16.53 2.34 -2.41
CA VAL A 263 -15.85 1.06 -2.55
C VAL A 263 -15.92 0.27 -1.24
N GLU A 264 -15.58 0.92 -0.14
CA GLU A 264 -15.63 0.27 1.18
C GLU A 264 -17.06 -0.20 1.49
N LEU A 265 -18.07 0.61 1.16
CA LEU A 265 -19.47 0.23 1.40
C LEU A 265 -19.87 -1.03 0.64
N ARG A 266 -19.55 -1.09 -0.65
CA ARG A 266 -19.80 -2.29 -1.46
C ARG A 266 -19.16 -3.56 -0.88
N LEU A 267 -17.90 -3.46 -0.47
CA LEU A 267 -17.20 -4.60 0.13
C LEU A 267 -17.78 -5.01 1.49
N ARG A 268 -18.08 -4.01 2.31
CA ARG A 268 -18.69 -4.20 3.64
C ARG A 268 -19.99 -4.98 3.51
N ASN A 269 -20.89 -4.47 2.66
CA ASN A 269 -22.18 -5.12 2.41
C ASN A 269 -22.02 -6.54 1.89
N TYR A 270 -21.12 -6.75 0.93
CA TYR A 270 -20.91 -8.09 0.37
C TYR A 270 -20.33 -9.06 1.39
N TYR A 271 -19.42 -8.57 2.24
CA TYR A 271 -18.80 -9.43 3.25
C TYR A 271 -19.81 -9.87 4.32
N TYR A 272 -20.59 -8.91 4.83
CA TYR A 272 -21.55 -9.19 5.90
C TYR A 272 -22.90 -9.75 5.43
N ASP A 273 -23.43 -9.27 4.30
CA ASP A 273 -24.71 -9.78 3.77
C ASP A 273 -24.53 -11.10 3.00
N VAL A 274 -23.32 -11.38 2.51
CA VAL A 274 -23.02 -12.62 1.76
C VAL A 274 -21.67 -13.21 2.19
#